data_6W0M
#
_entry.id   6W0M
#
_cell.length_a   91.678
_cell.length_b   91.678
_cell.length_c   212.106
_cell.angle_alpha   90.000
_cell.angle_beta   90.000
_cell.angle_gamma   120.000
#
_symmetry.space_group_name_H-M   'P 65 2 2'
#
loop_
_entity.id
_entity.type
_entity.pdbx_description
1 polymer 'N-glycosylase/DNA lyase'
2 polymer "DNA (5'-D(P*CP*GP*TP*CP*CP*AP*(8OG)P*GP*TP*CP*TP*AP*C)-3')"
3 polymer "DNA (5'-D(P*GP*GP*TP*AP*GP*AP*CP*CP*TP*GP*GP*AP*CP*GP*C)-3')"
4 non-polymer 'MAGNESIUM ION'
5 non-polymer 2-(2-ethoxyethoxy)ethanethiol
6 water water
#
loop_
_entity_poly.entity_id
_entity_poly.type
_entity_poly.pdbx_seq_one_letter_code
_entity_poly.pdbx_strand_id
1 'polypeptide(L)'
;GSEGHRTLASTPALWASIPCPRSELRLDLVLPSGQSFRWREQSPAHWSGVLADQVWTLTQTEEQLHCTVYRGDKSQASRP
TPDELEAVRKYFQLDVTLAQLYHHWGSVDSHFQQVAQKFQGVRLLRQDPIECLFSFICSSNNNIARITGMVERLCQAFGP
RLIQLDDVTYHGFPSLQALAGPEVEAHLRKLGLGYRARCVSASARAILEEQGGLAWLQQLRESSYEEAHKALCILPGVGT
QVADCICLMALDKPQAVPVDVHMWHIAQRDYSWHPTTSQAKGPSPQTNKELGNFFRSLWGPYAGWAQAVLFSADLRQ
;
A
2 'polydeoxyribonucleotide' (DC)(DG)(DT)(DC)(DC)(DA)(8OG)(DG)(DT)(DC)(DT)(DA)(DC) B
3 'polydeoxyribonucleotide' (DG)(DG)(DT)(DA)(DG)(DA)(DC)(DC)(DT)(DG)(DG)(DA)(DC)(DG)(DC) C
#
# COMPACT_ATOMS: atom_id res chain seq x y z
N GLY A 1 -0.48 1.00 31.85
CA GLY A 1 0.82 1.33 31.18
C GLY A 1 1.45 0.08 30.57
N SER A 2 1.50 -0.98 31.38
CA SER A 2 1.96 -2.30 30.95
C SER A 2 1.04 -2.98 29.90
N GLU A 3 -0.25 -2.62 29.90
CA GLU A 3 -1.25 -3.21 29.02
C GLU A 3 -1.68 -2.16 27.99
N GLY A 4 -2.30 -2.63 26.92
CA GLY A 4 -2.87 -1.75 25.90
C GLY A 4 -1.84 -1.26 24.93
N HIS A 5 -2.28 -0.44 23.99
CA HIS A 5 -1.37 0.14 23.01
C HIS A 5 -0.49 1.19 23.66
N ARG A 6 0.81 1.14 23.37
CA ARG A 6 1.77 2.11 23.94
C ARG A 6 1.63 3.49 23.32
N THR A 7 2.05 4.51 24.07
CA THR A 7 2.27 5.85 23.56
C THR A 7 3.70 6.23 23.89
N LEU A 8 4.19 7.30 23.27
CA LEU A 8 5.58 7.74 23.45
C LEU A 8 5.77 8.29 24.86
N ALA A 9 4.81 9.10 25.30
CA ALA A 9 4.73 9.63 26.67
C ALA A 9 4.67 8.56 27.76
N SER A 10 3.87 7.51 27.54
CA SER A 10 3.54 6.53 28.60
C SER A 10 4.54 5.40 28.80
N THR A 11 5.33 5.05 27.80
CA THR A 11 6.32 3.96 27.95
C THR A 11 7.65 4.35 27.30
N PRO A 12 8.17 5.54 27.64
CA PRO A 12 9.34 6.16 26.99
C PRO A 12 10.54 5.24 26.77
N ALA A 13 10.80 4.33 27.69
CA ALA A 13 11.97 3.44 27.54
C ALA A 13 11.80 2.34 26.48
N LEU A 14 10.57 2.12 26.01
CA LEU A 14 10.30 1.06 25.03
C LEU A 14 10.29 1.54 23.57
N TRP A 15 10.52 2.83 23.35
CA TRP A 15 10.65 3.41 22.01
C TRP A 15 12.09 3.56 21.61
N ALA A 16 12.35 3.46 20.32
CA ALA A 16 13.62 3.87 19.73
C ALA A 16 13.31 4.70 18.48
N SER A 17 14.31 5.42 18.00
CA SER A 17 14.13 6.50 17.03
C SER A 17 14.82 6.20 15.71
N ILE A 18 14.26 6.72 14.63
CA ILE A 18 14.91 6.70 13.33
C ILE A 18 14.92 8.15 12.84
N PRO A 19 16.12 8.70 12.56
CA PRO A 19 16.14 10.07 12.05
C PRO A 19 15.34 10.14 10.77
N CYS A 20 14.42 11.09 10.70
CA CYS A 20 13.53 11.19 9.56
C CYS A 20 12.64 12.42 9.72
N PRO A 21 12.89 13.47 8.94
CA PRO A 21 12.04 14.66 9.03
C PRO A 21 10.65 14.45 8.44
N ARG A 22 9.68 15.24 8.90
CA ARG A 22 8.31 15.15 8.40
C ARG A 22 8.22 15.50 6.90
N SER A 23 9.18 16.26 6.41
CA SER A 23 9.31 16.48 4.96
C SER A 23 9.62 15.19 4.17
N GLU A 24 10.26 14.20 4.82
CA GLU A 24 10.48 12.87 4.23
C GLU A 24 9.33 11.85 4.47
N LEU A 25 8.44 12.12 5.42
CA LEU A 25 7.39 11.14 5.81
C LEU A 25 6.31 11.76 6.68
N ARG A 26 5.08 11.74 6.19
CA ARG A 26 3.90 12.05 6.99
C ARG A 26 3.08 10.76 7.11
N LEU A 27 3.18 10.10 8.26
CA LEU A 27 2.41 8.89 8.57
C LEU A 27 0.93 9.05 8.27
N ASP A 28 0.38 10.19 8.67
CA ASP A 28 -1.06 10.48 8.51
C ASP A 28 -1.48 10.71 7.07
N LEU A 29 -0.52 10.87 6.16
CA LEU A 29 -0.83 11.02 4.73
C LEU A 29 -0.50 9.77 3.88
N VAL A 30 0.20 8.82 4.49
CA VAL A 30 0.65 7.60 3.84
C VAL A 30 -0.11 6.35 4.32
N LEU A 31 -0.26 6.21 5.64
CA LEU A 31 -0.80 4.98 6.22
C LEU A 31 -2.31 4.76 6.07
N PRO A 32 -3.14 5.83 5.99
CA PRO A 32 -4.60 5.63 5.72
C PRO A 32 -5.02 5.94 4.28
N SER A 33 -4.07 6.14 3.37
CA SER A 33 -4.38 6.70 2.06
C SER A 33 -4.56 5.67 0.94
N GLY A 34 -4.72 4.40 1.31
CA GLY A 34 -5.08 3.33 0.36
C GLY A 34 -3.90 2.65 -0.30
N GLN A 35 -2.73 2.62 0.37
CA GLN A 35 -1.58 1.85 -0.07
C GLN A 35 -1.65 0.52 0.69
N SER A 36 -1.53 0.61 2.01
CA SER A 36 -1.72 -0.52 2.92
C SER A 36 -3.00 -0.26 3.70
N PHE A 37 -3.70 -1.33 4.02
CA PHE A 37 -5.01 -1.22 4.69
C PHE A 37 -4.91 -1.67 6.15
N ARG A 38 -3.69 -1.87 6.63
CA ARG A 38 -3.42 -2.64 7.85
C ARG A 38 -2.95 -1.78 9.04
N TRP A 39 -3.14 -0.46 8.99
CA TRP A 39 -2.69 0.46 10.04
C TRP A 39 -3.86 1.19 10.59
N ARG A 40 -3.87 1.39 11.90
CA ARG A 40 -4.96 2.06 12.61
C ARG A 40 -4.36 3.10 13.58
N GLU A 41 -4.91 4.30 13.57
CA GLU A 41 -4.49 5.34 14.51
C GLU A 41 -5.21 5.05 15.83
N GLN A 42 -4.71 4.09 16.61
CA GLN A 42 -5.40 3.62 17.82
C GLN A 42 -5.43 4.64 18.97
N SER A 43 -4.42 5.48 19.08
CA SER A 43 -4.50 6.75 19.83
C SER A 43 -4.00 7.91 18.94
N PRO A 44 -4.32 9.16 19.30
CA PRO A 44 -3.88 10.33 18.51
C PRO A 44 -2.41 10.31 18.07
N ALA A 45 -2.17 10.43 16.77
CA ALA A 45 -0.82 10.45 16.20
C ALA A 45 0.03 9.16 16.41
N HIS A 46 -0.59 8.04 16.79
CA HIS A 46 0.09 6.75 16.94
C HIS A 46 -0.56 5.72 16.07
N TRP A 47 0.21 5.12 15.16
CA TRP A 47 -0.33 4.20 14.19
C TRP A 47 0.12 2.83 14.55
N SER A 48 -0.82 1.89 14.68
CA SER A 48 -0.47 0.51 15.00
C SER A 48 -0.86 -0.42 13.85
N GLY A 49 -0.01 -1.42 13.62
CA GLY A 49 -0.19 -2.39 12.57
C GLY A 49 0.88 -3.47 12.57
N VAL A 50 0.84 -4.35 11.58
CA VAL A 50 1.74 -5.49 11.48
C VAL A 50 2.73 -5.19 10.38
N LEU A 51 3.99 -5.50 10.62
CA LEU A 51 5.08 -5.11 9.74
C LEU A 51 6.19 -6.11 9.97
N ALA A 52 6.60 -6.80 8.90
CA ALA A 52 7.54 -7.93 8.97
C ALA A 52 7.17 -8.91 10.11
N ASP A 53 5.91 -9.36 10.13
CA ASP A 53 5.41 -10.43 11.04
C ASP A 53 5.38 -10.10 12.55
N GLN A 54 5.46 -8.81 12.89
CA GLN A 54 5.31 -8.37 14.28
C GLN A 54 4.44 -7.14 14.32
N VAL A 55 3.86 -6.89 15.48
CA VAL A 55 3.04 -5.69 15.70
C VAL A 55 3.94 -4.52 16.10
N TRP A 56 3.70 -3.34 15.52
CA TRP A 56 4.40 -2.11 15.84
C TRP A 56 3.43 -1.00 16.08
N THR A 57 3.84 -0.03 16.89
CA THR A 57 3.23 1.30 16.92
C THR A 57 4.29 2.34 16.46
N LEU A 58 3.87 3.29 15.64
CA LEU A 58 4.75 4.32 15.08
C LEU A 58 4.17 5.70 15.36
N THR A 59 5.02 6.64 15.76
CA THR A 59 4.60 8.04 15.97
C THR A 59 5.76 8.99 15.59
N GLN A 60 5.46 10.22 15.20
CA GLN A 60 6.55 11.12 14.80
C GLN A 60 6.57 12.48 15.51
N THR A 61 7.79 12.93 15.74
CA THR A 61 8.08 14.33 16.09
C THR A 61 8.70 14.96 14.81
N GLU A 62 9.08 16.23 14.88
CA GLU A 62 9.49 16.99 13.66
C GLU A 62 10.70 16.39 12.94
N GLU A 63 11.62 15.81 13.71
CA GLU A 63 12.84 15.22 13.13
C GLU A 63 12.97 13.72 13.33
N GLN A 64 12.09 13.11 14.11
CA GLN A 64 12.22 11.68 14.43
C GLN A 64 10.95 10.88 14.11
N LEU A 65 11.16 9.64 13.68
CA LEU A 65 10.12 8.61 13.60
C LEU A 65 10.36 7.68 14.77
N HIS A 66 9.45 7.69 15.75
CA HIS A 66 9.58 6.82 16.93
C HIS A 66 8.83 5.52 16.71
N CYS A 67 9.49 4.41 17.05
CA CYS A 67 9.04 3.05 16.79
C CYS A 67 9.05 2.18 18.06
N THR A 68 7.95 1.46 18.30
CA THR A 68 7.91 0.42 19.35
C THR A 68 7.40 -0.90 18.74
N VAL A 69 7.89 -2.02 19.25
CA VAL A 69 7.54 -3.36 18.78
C VAL A 69 7.04 -4.24 19.95
N TYR A 70 6.12 -5.15 19.63
CA TYR A 70 5.55 -6.09 20.61
C TYR A 70 5.82 -7.49 20.07
N ARG A 71 6.66 -8.27 20.74
CA ARG A 71 7.14 -9.56 20.21
C ARG A 71 6.25 -10.74 20.61
N SER A 75 8.69 -13.12 26.17
CA SER A 75 9.84 -12.24 26.33
C SER A 75 9.52 -10.91 27.02
N GLN A 76 10.54 -10.28 27.60
CA GLN A 76 10.40 -9.01 28.29
C GLN A 76 10.23 -7.85 27.29
N ALA A 77 9.40 -6.88 27.65
CA ALA A 77 9.17 -5.68 26.85
C ALA A 77 10.46 -4.84 26.79
N SER A 78 10.96 -4.58 25.58
CA SER A 78 12.19 -3.80 25.40
C SER A 78 12.24 -3.02 24.08
N ARG A 79 13.12 -2.02 24.01
CA ARG A 79 13.37 -1.20 22.80
C ARG A 79 13.47 -2.08 21.56
N PRO A 80 13.08 -1.58 20.38
CA PRO A 80 13.39 -2.37 19.18
C PRO A 80 14.89 -2.40 18.93
N THR A 81 15.36 -3.49 18.34
CA THR A 81 16.76 -3.69 18.07
C THR A 81 17.13 -3.04 16.74
N PRO A 82 18.44 -2.87 16.48
CA PRO A 82 18.90 -2.32 15.20
C PRO A 82 18.38 -3.06 13.96
N ASP A 83 18.44 -4.39 13.99
CA ASP A 83 17.87 -5.23 12.92
C ASP A 83 16.37 -5.00 12.72
N GLU A 84 15.62 -4.93 13.81
CA GLU A 84 14.18 -4.68 13.75
C GLU A 84 13.89 -3.29 13.17
N LEU A 85 14.64 -2.29 13.61
CA LEU A 85 14.50 -0.92 13.07
C LEU A 85 14.77 -0.87 11.56
N GLU A 86 15.69 -1.69 11.10
CA GLU A 86 15.94 -1.83 9.66
C GLU A 86 14.70 -2.22 8.88
N ALA A 87 13.89 -3.12 9.45
CA ALA A 87 12.64 -3.54 8.79
C ALA A 87 11.70 -2.36 8.61
N VAL A 88 11.69 -1.44 9.57
CA VAL A 88 10.91 -0.20 9.43
C VAL A 88 11.49 0.67 8.30
N ARG A 89 12.80 0.89 8.30
CA ARG A 89 13.48 1.67 7.22
C ARG A 89 13.17 1.11 5.84
N LYS A 90 13.29 -0.20 5.70
CA LYS A 90 12.98 -0.87 4.41
C LYS A 90 11.51 -0.70 4.03
N TYR A 91 10.61 -0.87 4.99
CA TYR A 91 9.18 -0.77 4.71
C TYR A 91 8.83 0.63 4.20
N PHE A 92 9.45 1.66 4.78
CA PHE A 92 9.27 3.05 4.31
C PHE A 92 10.24 3.48 3.19
N GLN A 93 11.16 2.59 2.79
CA GLN A 93 12.10 2.86 1.69
C GLN A 93 12.77 4.19 1.93
N LEU A 94 13.33 4.35 3.13
CA LEU A 94 13.87 5.62 3.58
C LEU A 94 15.21 6.00 2.93
N ASP A 95 15.78 5.13 2.10
CA ASP A 95 16.94 5.49 1.28
C ASP A 95 16.50 6.35 0.12
N VAL A 96 15.30 6.12 -0.42
CA VAL A 96 14.73 7.01 -1.42
C VAL A 96 14.45 8.35 -0.76
N THR A 97 15.16 9.39 -1.20
CA THR A 97 15.05 10.76 -0.65
C THR A 97 13.92 11.53 -1.32
N LEU A 98 12.88 11.83 -0.56
CA LEU A 98 11.65 12.39 -1.10
C LEU A 98 11.80 13.88 -1.48
N ALA A 99 12.65 14.59 -0.74
CA ALA A 99 13.02 15.98 -1.08
C ALA A 99 13.58 16.08 -2.51
N GLN A 100 14.39 15.10 -2.92
CA GLN A 100 14.95 15.07 -4.26
C GLN A 100 13.89 14.81 -5.32
N LEU A 101 12.97 13.89 -5.04
CA LEU A 101 11.87 13.58 -5.98
C LEU A 101 10.90 14.76 -6.17
N TYR A 102 10.46 15.35 -5.06
CA TYR A 102 9.57 16.52 -5.08
C TYR A 102 10.19 17.65 -5.93
N HIS A 103 11.48 17.90 -5.74
CA HIS A 103 12.22 18.92 -6.52
C HIS A 103 12.08 18.62 -7.98
N HIS A 104 12.47 17.41 -8.37
CA HIS A 104 12.36 17.00 -9.77
C HIS A 104 10.98 17.13 -10.32
N TRP A 105 9.98 16.55 -9.64
CA TRP A 105 8.60 16.59 -10.13
C TRP A 105 8.11 18.01 -10.22
N GLY A 106 8.43 18.80 -9.19
CA GLY A 106 8.13 20.24 -9.16
C GLY A 106 8.64 21.02 -10.37
N SER A 107 9.86 20.69 -10.81
CA SER A 107 10.52 21.41 -11.92
C SER A 107 9.87 21.18 -13.26
N VAL A 108 9.35 19.98 -13.45
CA VAL A 108 8.78 19.53 -14.72
C VAL A 108 7.26 19.65 -14.79
N ASP A 109 6.64 20.06 -13.69
CA ASP A 109 5.18 20.13 -13.58
C ASP A 109 4.81 21.17 -12.52
N SER A 110 4.40 22.37 -12.95
CA SER A 110 4.10 23.45 -12.00
C SER A 110 2.83 23.18 -11.17
N HIS A 111 1.90 22.38 -11.67
CA HIS A 111 0.76 21.95 -10.85
C HIS A 111 1.22 21.07 -9.72
N PHE A 112 2.17 20.15 -10.00
CA PHE A 112 2.75 19.36 -8.92
C PHE A 112 3.38 20.26 -7.86
N GLN A 113 4.15 21.27 -8.31
CA GLN A 113 4.75 22.27 -7.40
C GLN A 113 3.72 22.86 -6.44
N GLN A 114 2.57 23.26 -6.97
CA GLN A 114 1.48 23.84 -6.18
C GLN A 114 0.93 22.88 -5.10
N VAL A 115 0.58 21.65 -5.49
CA VAL A 115 0.04 20.64 -4.53
C VAL A 115 1.08 20.19 -3.49
N ALA A 116 2.34 20.08 -3.89
CA ALA A 116 3.46 19.62 -3.04
C ALA A 116 3.76 20.45 -1.79
N GLN A 117 3.47 21.74 -1.85
CA GLN A 117 3.68 22.65 -0.72
C GLN A 117 2.83 22.21 0.48
N LYS A 118 1.56 21.87 0.22
CA LYS A 118 0.62 21.48 1.27
C LYS A 118 0.53 19.97 1.57
N PHE A 119 1.23 19.12 0.80
CA PHE A 119 1.20 17.65 0.97
C PHE A 119 2.60 17.02 0.87
N GLN A 120 3.44 17.33 1.83
CA GLN A 120 4.79 16.78 1.96
C GLN A 120 4.77 15.43 2.64
N GLY A 121 5.82 14.64 2.40
CA GLY A 121 6.04 13.39 3.10
C GLY A 121 5.18 12.21 2.64
N VAL A 122 4.53 12.33 1.48
CA VAL A 122 3.84 11.21 0.86
C VAL A 122 4.83 10.36 0.04
N ARG A 123 5.24 9.22 0.60
CA ARG A 123 6.14 8.26 -0.08
C ARG A 123 5.44 6.90 -0.23
N LEU A 124 6.07 5.97 -0.96
CA LEU A 124 5.49 4.64 -1.19
C LEU A 124 6.00 3.64 -0.18
N LEU A 125 5.08 2.87 0.40
CA LEU A 125 5.48 1.74 1.25
C LEU A 125 6.04 0.62 0.36
N ARG A 126 6.99 -0.18 0.87
CA ARG A 126 7.41 -1.41 0.17
C ARG A 126 6.72 -2.59 0.84
N GLN A 127 5.73 -3.15 0.16
CA GLN A 127 4.85 -4.15 0.74
C GLN A 127 5.19 -5.59 0.32
N ASP A 128 4.74 -6.55 1.12
CA ASP A 128 4.83 -7.96 0.80
C ASP A 128 3.92 -8.25 -0.42
N PRO A 129 4.41 -9.05 -1.38
CA PRO A 129 3.62 -9.29 -2.60
C PRO A 129 2.25 -9.93 -2.39
N ILE A 130 2.18 -10.91 -1.49
CA ILE A 130 0.92 -11.63 -1.27
C ILE A 130 -0.11 -10.69 -0.65
N GLU A 131 0.29 -10.02 0.42
CA GLU A 131 -0.58 -9.06 1.12
C GLU A 131 -1.11 -7.98 0.17
N CYS A 132 -0.21 -7.53 -0.69
CA CYS A 132 -0.53 -6.50 -1.65
C CYS A 132 -1.48 -7.03 -2.70
N LEU A 133 -1.20 -8.24 -3.21
CA LEU A 133 -2.07 -8.84 -4.24
C LEU A 133 -3.50 -8.99 -3.73
N PHE A 134 -3.63 -9.60 -2.56
CA PHE A 134 -4.99 -9.89 -2.04
C PHE A 134 -5.69 -8.65 -1.48
N SER A 135 -4.95 -7.69 -0.92
CA SER A 135 -5.58 -6.42 -0.53
C SER A 135 -6.13 -5.72 -1.77
N PHE A 136 -5.37 -5.68 -2.86
CA PHE A 136 -5.84 -4.92 -4.02
C PHE A 136 -6.88 -5.66 -4.85
N ILE A 137 -6.96 -6.98 -4.71
CA ILE A 137 -8.12 -7.73 -5.21
C ILE A 137 -9.40 -7.27 -4.49
N CYS A 138 -9.28 -6.96 -3.19
CA CYS A 138 -10.43 -6.45 -2.40
C CYS A 138 -10.79 -4.99 -2.74
N SER A 139 -9.82 -4.25 -3.27
CA SER A 139 -9.95 -2.82 -3.67
C SER A 139 -10.86 -2.51 -4.83
N SER A 140 -11.23 -3.51 -5.64
CA SER A 140 -11.87 -3.23 -6.93
C SER A 140 -13.29 -2.75 -6.72
N ASN A 141 -13.67 -1.66 -7.37
CA ASN A 141 -15.05 -1.16 -7.35
C ASN A 141 -15.57 -1.01 -5.91
N ASN A 142 -14.75 -0.33 -5.09
CA ASN A 142 -14.89 -0.31 -3.63
C ASN A 142 -14.26 0.97 -3.04
N ASN A 143 -14.62 1.33 -1.81
CA ASN A 143 -14.02 2.49 -1.12
C ASN A 143 -13.11 2.05 -0.02
N ILE A 144 -12.17 2.94 0.34
CA ILE A 144 -11.12 2.62 1.30
C ILE A 144 -11.63 2.17 2.67
N ALA A 145 -12.71 2.78 3.17
CA ALA A 145 -13.23 2.41 4.50
C ALA A 145 -13.68 0.94 4.51
N ARG A 146 -14.48 0.56 3.52
CA ARG A 146 -14.95 -0.82 3.41
C ARG A 146 -13.83 -1.82 3.08
N ILE A 147 -12.93 -1.46 2.16
CA ILE A 147 -11.76 -2.33 1.84
C ILE A 147 -11.03 -2.66 3.12
N THR A 148 -10.79 -1.64 3.94
CA THR A 148 -10.06 -1.79 5.21
C THR A 148 -10.68 -2.85 6.16
N GLY A 149 -12.00 -2.83 6.30
CA GLY A 149 -12.75 -3.84 7.06
C GLY A 149 -12.65 -5.24 6.44
N MET A 150 -12.86 -5.32 5.12
CA MET A 150 -12.73 -6.58 4.36
C MET A 150 -11.40 -7.23 4.66
N VAL A 151 -10.34 -6.43 4.54
CA VAL A 151 -8.98 -6.95 4.78
C VAL A 151 -8.75 -7.41 6.22
N GLU A 152 -9.26 -6.67 7.18
CA GLU A 152 -9.14 -7.07 8.60
C GLU A 152 -9.84 -8.40 8.88
N ARG A 153 -11.09 -8.51 8.42
CA ARG A 153 -11.87 -9.72 8.60
C ARG A 153 -11.23 -10.94 7.92
N LEU A 154 -10.64 -10.70 6.73
CA LEU A 154 -9.88 -11.74 6.01
C LEU A 154 -8.69 -12.26 6.83
N CYS A 155 -7.91 -11.34 7.42
CA CYS A 155 -6.73 -11.73 8.22
C CYS A 155 -7.13 -12.38 9.55
N GLN A 156 -8.21 -11.87 10.14
CA GLN A 156 -8.77 -12.42 11.36
C GLN A 156 -9.23 -13.89 11.18
N ALA A 157 -9.95 -14.16 10.09
CA ALA A 157 -10.43 -15.54 9.81
C ALA A 157 -9.34 -16.47 9.28
N PHE A 158 -8.34 -15.97 8.56
CA PHE A 158 -7.39 -16.88 7.87
C PHE A 158 -5.93 -16.73 8.21
N GLY A 159 -5.57 -15.68 8.96
CA GLY A 159 -4.17 -15.43 9.26
C GLY A 159 -3.81 -15.77 10.68
N PRO A 160 -2.53 -16.02 10.96
CA PRO A 160 -2.16 -16.47 12.28
C PRO A 160 -2.21 -15.34 13.32
N ARG A 161 -2.59 -15.71 14.53
CA ARG A 161 -2.77 -14.80 15.65
C ARG A 161 -1.40 -14.37 16.14
N LEU A 162 -1.16 -13.06 16.19
CA LEU A 162 0.10 -12.55 16.69
C LEU A 162 -0.02 -12.17 18.16
N ILE A 163 -0.64 -11.04 18.47
CA ILE A 163 -0.74 -10.59 19.85
C ILE A 163 -1.97 -9.73 19.98
N GLN A 164 -2.46 -9.61 21.21
CA GLN A 164 -3.63 -8.80 21.51
C GLN A 164 -3.24 -7.56 22.30
N LEU A 165 -3.73 -6.41 21.86
CA LEU A 165 -3.58 -5.18 22.63
C LEU A 165 -4.96 -4.62 22.80
N ASP A 166 -5.29 -4.25 24.04
CA ASP A 166 -6.66 -3.87 24.39
C ASP A 166 -7.63 -4.98 23.91
N ASP A 167 -8.67 -4.62 23.17
CA ASP A 167 -9.57 -5.57 22.53
C ASP A 167 -9.25 -5.82 21.03
N VAL A 168 -8.04 -5.49 20.59
CA VAL A 168 -7.65 -5.71 19.21
C VAL A 168 -6.67 -6.86 19.17
N THR A 169 -6.99 -7.92 18.41
CA THR A 169 -6.11 -9.06 18.16
C THR A 169 -5.49 -8.90 16.78
N TYR A 170 -4.16 -8.81 16.70
CA TYR A 170 -3.47 -8.63 15.44
C TYR A 170 -3.21 -9.99 14.84
N HIS A 171 -3.45 -10.06 13.53
CA HIS A 171 -3.19 -11.25 12.73
C HIS A 171 -2.19 -10.98 11.65
N GLY A 172 -1.29 -11.93 11.40
CA GLY A 172 -0.49 -11.93 10.18
C GLY A 172 -1.36 -12.14 8.97
N PHE A 173 -0.84 -11.78 7.79
CA PHE A 173 -1.58 -11.91 6.55
C PHE A 173 -1.68 -13.40 6.15
N PRO A 174 -2.83 -13.84 5.62
CA PRO A 174 -2.92 -15.29 5.31
C PRO A 174 -1.93 -15.81 4.26
N SER A 175 -1.50 -17.06 4.42
CA SER A 175 -0.72 -17.75 3.38
C SER A 175 -1.58 -18.06 2.17
N LEU A 176 -0.91 -18.30 1.04
CA LEU A 176 -1.53 -18.87 -0.17
C LEU A 176 -2.32 -20.14 0.17
N GLN A 177 -1.73 -21.01 1.00
CA GLN A 177 -2.34 -22.30 1.36
C GLN A 177 -3.67 -22.09 2.04
N ALA A 178 -3.69 -21.16 2.99
CA ALA A 178 -4.95 -20.88 3.71
C ALA A 178 -5.95 -20.27 2.77
N LEU A 179 -5.48 -19.42 1.86
CA LEU A 179 -6.43 -18.74 0.96
C LEU A 179 -6.95 -19.71 -0.11
N ALA A 180 -6.16 -20.74 -0.42
CA ALA A 180 -6.59 -21.76 -1.38
C ALA A 180 -7.49 -22.85 -0.75
N GLY A 181 -7.70 -22.82 0.56
CA GLY A 181 -8.37 -23.89 1.27
C GLY A 181 -9.82 -24.14 0.90
N PRO A 182 -10.38 -25.27 1.38
CA PRO A 182 -11.79 -25.55 1.11
C PRO A 182 -12.73 -24.52 1.71
N GLU A 183 -13.74 -24.11 0.95
CA GLU A 183 -14.82 -23.25 1.45
C GLU A 183 -14.42 -21.81 1.84
N VAL A 184 -13.24 -21.37 1.37
CA VAL A 184 -12.77 -20.00 1.61
C VAL A 184 -13.77 -19.00 1.04
N GLU A 185 -14.20 -19.22 -0.20
CA GLU A 185 -15.19 -18.32 -0.83
C GLU A 185 -16.44 -18.11 0.02
N ALA A 186 -17.15 -19.21 0.32
CA ALA A 186 -18.34 -19.15 1.15
C ALA A 186 -18.09 -18.41 2.50
N HIS A 187 -16.93 -18.65 3.09
CA HIS A 187 -16.59 -18.01 4.36
C HIS A 187 -16.40 -16.51 4.16
N LEU A 188 -15.63 -16.13 3.14
CA LEU A 188 -15.41 -14.70 2.81
C LEU A 188 -16.68 -14.00 2.38
N ARG A 189 -17.63 -14.73 1.78
CA ARG A 189 -18.94 -14.15 1.44
C ARG A 189 -19.72 -13.81 2.71
N LYS A 190 -19.64 -14.67 3.73
CA LYS A 190 -20.25 -14.35 5.04
C LYS A 190 -19.53 -13.19 5.74
N LEU A 191 -18.24 -12.99 5.47
CA LEU A 191 -17.50 -11.83 5.97
C LEU A 191 -17.70 -10.54 5.14
N GLY A 192 -18.56 -10.59 4.11
CA GLY A 192 -19.01 -9.40 3.38
C GLY A 192 -18.14 -8.95 2.21
N LEU A 193 -17.31 -9.85 1.68
CA LEU A 193 -16.41 -9.50 0.58
C LEU A 193 -17.11 -9.47 -0.76
N GLY A 194 -18.32 -10.03 -0.83
CA GLY A 194 -19.07 -10.07 -2.08
C GLY A 194 -18.37 -10.92 -3.11
N TYR A 195 -18.48 -10.52 -4.37
CA TYR A 195 -17.93 -11.28 -5.50
C TYR A 195 -16.42 -11.48 -5.43
N ARG A 196 -15.73 -10.62 -4.68
CA ARG A 196 -14.27 -10.71 -4.51
C ARG A 196 -13.85 -11.93 -3.68
N ALA A 197 -14.81 -12.47 -2.91
CA ALA A 197 -14.63 -13.76 -2.24
C ALA A 197 -14.16 -14.81 -3.24
N ARG A 198 -14.89 -14.95 -4.36
CA ARG A 198 -14.50 -15.90 -5.43
C ARG A 198 -13.10 -15.61 -5.92
N CYS A 199 -12.81 -14.34 -6.17
CA CYS A 199 -11.50 -13.93 -6.73
C CYS A 199 -10.32 -14.26 -5.83
N VAL A 200 -10.52 -14.16 -4.51
CA VAL A 200 -9.46 -14.50 -3.56
C VAL A 200 -9.14 -16.00 -3.65
N SER A 201 -10.17 -16.83 -3.54
CA SER A 201 -10.01 -18.30 -3.64
C SER A 201 -9.34 -18.68 -4.97
N ALA A 202 -9.88 -18.14 -6.06
CA ALA A 202 -9.42 -18.45 -7.42
C ALA A 202 -8.00 -18.05 -7.70
N SER A 203 -7.59 -16.88 -7.20
CA SER A 203 -6.20 -16.42 -7.39
C SER A 203 -5.23 -17.17 -6.51
N ALA A 204 -5.62 -17.47 -5.28
CA ALA A 204 -4.75 -18.30 -4.42
C ALA A 204 -4.49 -19.67 -5.08
N ARG A 205 -5.55 -20.29 -5.60
CA ARG A 205 -5.42 -21.61 -6.30
C ARG A 205 -4.66 -21.50 -7.62
N ALA A 206 -4.92 -20.44 -8.40
CA ALA A 206 -4.17 -20.22 -9.66
C ALA A 206 -2.68 -20.14 -9.41
N ILE A 207 -2.28 -19.46 -8.34
CA ILE A 207 -0.85 -19.30 -8.04
C ILE A 207 -0.21 -20.64 -7.65
N LEU A 208 -0.81 -21.34 -6.69
CA LEU A 208 -0.22 -22.61 -6.22
C LEU A 208 -0.33 -23.73 -7.28
N GLU A 209 -1.47 -23.82 -7.97
CA GLU A 209 -1.81 -25.01 -8.82
C GLU A 209 -1.56 -24.83 -10.32
N GLU A 210 -1.43 -23.59 -10.79
CA GLU A 210 -1.13 -23.32 -12.21
C GLU A 210 0.17 -22.57 -12.45
N GLN A 211 0.59 -21.70 -11.52
CA GLN A 211 1.75 -20.81 -11.77
C GLN A 211 3.04 -21.15 -11.04
N GLY A 212 3.08 -22.27 -10.33
CA GLY A 212 4.31 -22.67 -9.63
C GLY A 212 4.58 -21.94 -8.31
N GLY A 213 3.54 -21.39 -7.69
CA GLY A 213 3.62 -20.98 -6.29
C GLY A 213 4.23 -19.62 -6.00
N LEU A 214 4.52 -19.41 -4.73
CA LEU A 214 4.99 -18.14 -4.20
C LEU A 214 6.17 -17.59 -4.98
N ALA A 215 7.12 -18.47 -5.31
CA ALA A 215 8.32 -18.16 -6.10
C ALA A 215 7.99 -17.36 -7.36
N TRP A 216 6.99 -17.80 -8.10
CA TRP A 216 6.52 -17.13 -9.29
C TRP A 216 6.17 -15.67 -9.05
N LEU A 217 5.47 -15.38 -7.96
CA LEU A 217 5.10 -14.01 -7.59
C LEU A 217 6.34 -13.21 -7.19
N GLN A 218 7.11 -13.77 -6.25
CA GLN A 218 8.27 -13.09 -5.68
C GLN A 218 9.32 -12.71 -6.73
N GLN A 219 9.51 -13.58 -7.72
CA GLN A 219 10.52 -13.37 -8.75
C GLN A 219 10.15 -12.28 -9.76
N LEU A 220 8.89 -11.85 -9.77
CA LEU A 220 8.49 -10.68 -10.55
C LEU A 220 9.17 -9.38 -10.08
N ARG A 221 9.67 -9.34 -8.85
CA ARG A 221 10.51 -8.24 -8.38
C ARG A 221 11.74 -7.99 -9.23
N GLU A 222 12.41 -9.05 -9.67
CA GLU A 222 13.59 -8.92 -10.54
C GLU A 222 13.18 -8.79 -12.03
N SER A 223 11.94 -9.14 -12.37
CA SER A 223 11.43 -8.96 -13.75
C SER A 223 11.12 -7.49 -14.08
N SER A 224 10.88 -7.23 -15.36
CA SER A 224 10.58 -5.88 -15.84
C SER A 224 9.15 -5.51 -15.49
N TYR A 225 8.89 -4.21 -15.39
CA TYR A 225 7.52 -3.72 -15.18
C TYR A 225 6.58 -4.40 -16.15
N GLU A 226 6.95 -4.38 -17.42
CA GLU A 226 6.08 -4.89 -18.48
C GLU A 226 5.84 -6.40 -18.38
N GLU A 227 6.87 -7.16 -17.99
CA GLU A 227 6.72 -8.61 -17.78
C GLU A 227 5.82 -8.85 -16.57
N ALA A 228 6.21 -8.26 -15.43
CA ALA A 228 5.44 -8.32 -14.17
C ALA A 228 3.98 -7.98 -14.39
N HIS A 229 3.71 -6.84 -15.02
CA HIS A 229 2.33 -6.39 -15.23
C HIS A 229 1.50 -7.33 -16.06
N LYS A 230 2.13 -7.91 -17.10
CA LYS A 230 1.47 -8.93 -17.93
C LYS A 230 1.17 -10.19 -17.12
N ALA A 231 2.18 -10.67 -16.38
CA ALA A 231 2.05 -11.90 -15.57
C ALA A 231 0.90 -11.81 -14.54
N LEU A 232 0.78 -10.67 -13.84
CA LEU A 232 -0.29 -10.43 -12.87
C LEU A 232 -1.69 -10.42 -13.47
N CYS A 233 -1.84 -9.87 -14.65
CA CYS A 233 -3.14 -9.79 -15.32
C CYS A 233 -3.83 -11.14 -15.62
N ILE A 234 -3.08 -12.24 -15.67
CA ILE A 234 -3.71 -13.56 -15.86
C ILE A 234 -4.55 -14.01 -14.64
N LEU A 235 -4.23 -13.50 -13.44
CA LEU A 235 -4.95 -13.89 -12.21
C LEU A 235 -6.37 -13.36 -12.12
N PRO A 236 -7.31 -14.17 -11.58
CA PRO A 236 -8.69 -13.65 -11.50
C PRO A 236 -8.83 -12.48 -10.50
N GLY A 237 -9.56 -11.44 -10.88
CA GLY A 237 -9.71 -10.24 -10.08
C GLY A 237 -8.58 -9.22 -10.23
N VAL A 238 -7.49 -9.60 -10.91
CA VAL A 238 -6.36 -8.71 -11.18
C VAL A 238 -6.42 -8.17 -12.62
N GLY A 239 -6.93 -6.96 -12.80
CA GLY A 239 -6.82 -6.24 -14.09
C GLY A 239 -5.64 -5.27 -14.12
N THR A 240 -5.70 -4.29 -15.04
CA THR A 240 -4.58 -3.34 -15.30
C THR A 240 -4.25 -2.53 -14.05
N GLN A 241 -5.30 -1.95 -13.47
CA GLN A 241 -5.20 -1.14 -12.25
C GLN A 241 -4.67 -1.89 -11.05
N VAL A 242 -5.28 -3.04 -10.73
CA VAL A 242 -4.81 -3.84 -9.60
C VAL A 242 -3.39 -4.26 -9.82
N ALA A 243 -3.07 -4.65 -11.05
CA ALA A 243 -1.67 -5.02 -11.41
C ALA A 243 -0.71 -3.86 -11.24
N ASP A 244 -1.14 -2.67 -11.64
CA ASP A 244 -0.30 -1.48 -11.45
C ASP A 244 -0.10 -1.18 -9.96
N CYS A 245 -1.16 -1.26 -9.17
CA CYS A 245 -1.01 -1.11 -7.71
C CYS A 245 0.01 -2.08 -7.17
N ILE A 246 -0.03 -3.33 -7.62
CA ILE A 246 0.92 -4.33 -7.11
C ILE A 246 2.34 -4.06 -7.58
N CYS A 247 2.50 -3.76 -8.86
CA CYS A 247 3.84 -3.44 -9.40
C CYS A 247 4.50 -2.28 -8.68
N LEU A 248 3.71 -1.22 -8.46
CA LEU A 248 4.21 -0.02 -7.74
C LEU A 248 4.53 -0.31 -6.28
N MET A 249 3.59 -0.95 -5.59
CA MET A 249 3.59 -1.02 -4.11
C MET A 249 4.30 -2.25 -3.51
N ALA A 250 4.55 -3.29 -4.34
CA ALA A 250 5.15 -4.56 -3.89
C ALA A 250 6.33 -5.10 -4.72
N LEU A 251 6.32 -4.83 -6.03
CA LEU A 251 7.31 -5.39 -6.96
C LEU A 251 8.39 -4.39 -7.42
N ASP A 252 8.60 -3.33 -6.67
CA ASP A 252 9.66 -2.34 -6.96
C ASP A 252 9.65 -1.79 -8.39
N LYS A 253 8.48 -1.46 -8.91
CA LYS A 253 8.36 -0.83 -10.23
C LYS A 253 7.87 0.61 -10.03
N PRO A 254 8.78 1.57 -9.75
CA PRO A 254 8.34 2.97 -9.43
C PRO A 254 7.62 3.75 -10.52
N GLN A 255 7.70 3.24 -11.75
CA GLN A 255 7.11 3.87 -12.93
C GLN A 255 5.70 3.42 -13.18
N ALA A 256 5.27 2.37 -12.48
CA ALA A 256 3.89 1.89 -12.58
C ALA A 256 2.95 2.96 -12.04
N VAL A 257 1.94 3.32 -12.82
CA VAL A 257 0.96 4.33 -12.45
C VAL A 257 -0.45 3.77 -12.49
N PRO A 258 -1.04 3.52 -11.31
CA PRO A 258 -2.44 3.06 -11.34
C PRO A 258 -3.40 4.17 -11.80
N VAL A 259 -4.36 3.82 -12.65
CA VAL A 259 -5.32 4.76 -13.21
C VAL A 259 -6.72 4.33 -12.84
N ASP A 260 -7.26 5.01 -11.83
CA ASP A 260 -8.60 4.78 -11.30
C ASP A 260 -9.44 6.04 -11.55
N VAL A 261 -10.62 6.15 -10.94
CA VAL A 261 -11.45 7.34 -11.16
C VAL A 261 -10.78 8.62 -10.61
N HIS A 262 -10.04 8.51 -9.50
CA HIS A 262 -9.32 9.67 -8.94
C HIS A 262 -8.33 10.24 -9.94
N MET A 263 -7.44 9.40 -10.46
CA MET A 263 -6.47 9.84 -11.45
C MET A 263 -7.10 10.38 -12.74
N TRP A 264 -8.22 9.82 -13.15
CA TRP A 264 -9.00 10.39 -14.27
C TRP A 264 -9.44 11.78 -14.02
N HIS A 265 -10.00 12.02 -12.83
N HIS A 265 -9.98 12.04 -12.83
CA HIS A 265 -10.46 13.35 -12.44
CA HIS A 265 -10.44 13.36 -12.46
C HIS A 265 -9.31 14.32 -12.34
C HIS A 265 -9.30 14.33 -12.33
N ILE A 266 -8.17 13.87 -11.81
CA ILE A 266 -6.98 14.70 -11.68
C ILE A 266 -6.45 15.12 -13.06
N ALA A 267 -6.42 14.17 -13.99
CA ALA A 267 -5.96 14.40 -15.36
C ALA A 267 -6.76 15.49 -16.06
N GLN A 268 -8.07 15.43 -15.93
CA GLN A 268 -8.96 16.34 -16.65
C GLN A 268 -8.99 17.69 -15.99
N ARG A 269 -9.20 17.70 -14.68
CA ARG A 269 -9.31 18.94 -13.93
C ARG A 269 -8.00 19.72 -13.95
N ASP A 270 -6.88 19.05 -13.69
CA ASP A 270 -5.61 19.73 -13.40
C ASP A 270 -4.60 19.75 -14.54
N TYR A 271 -4.82 18.92 -15.57
CA TYR A 271 -3.97 18.94 -16.76
C TYR A 271 -4.78 19.10 -18.04
N SER A 272 -6.09 19.31 -17.93
CA SER A 272 -6.97 19.32 -19.11
C SER A 272 -6.63 18.20 -20.11
N TRP A 273 -6.33 17.02 -19.57
CA TRP A 273 -5.97 15.89 -20.42
C TRP A 273 -7.18 15.29 -21.12
N HIS A 274 -6.96 14.80 -22.33
CA HIS A 274 -7.95 14.02 -23.10
C HIS A 274 -7.18 13.02 -23.95
N PRO A 275 -7.75 11.82 -24.15
CA PRO A 275 -7.02 10.83 -24.94
C PRO A 275 -6.89 11.26 -26.41
N THR A 276 -5.73 10.99 -27.00
CA THR A 276 -5.43 11.34 -28.40
C THR A 276 -5.10 10.16 -29.32
N THR A 277 -4.77 8.99 -28.76
CA THR A 277 -4.55 7.76 -29.53
C THR A 277 -5.84 6.97 -29.76
N SER A 278 -6.82 7.13 -28.87
CA SER A 278 -8.14 6.49 -29.03
C SER A 278 -9.25 7.53 -29.14
N GLN A 279 -10.32 7.16 -29.83
CA GLN A 279 -11.49 8.03 -30.01
C GLN A 279 -12.49 7.93 -28.83
N ALA A 280 -12.27 6.99 -27.91
CA ALA A 280 -13.11 6.85 -26.70
C ALA A 280 -12.93 8.06 -25.78
N LYS A 281 -14.04 8.67 -25.40
CA LYS A 281 -14.00 9.84 -24.51
C LYS A 281 -13.70 9.44 -23.05
N GLY A 282 -14.18 8.28 -22.61
CA GLY A 282 -14.14 7.86 -21.20
C GLY A 282 -13.11 6.80 -20.84
N PRO A 283 -13.11 6.34 -19.58
CA PRO A 283 -12.24 5.23 -19.15
C PRO A 283 -12.46 3.95 -19.97
N SER A 284 -11.38 3.36 -20.45
CA SER A 284 -11.42 2.17 -21.28
C SER A 284 -10.03 1.61 -21.28
N PRO A 285 -9.85 0.34 -21.68
CA PRO A 285 -8.49 -0.23 -21.65
C PRO A 285 -7.43 0.60 -22.39
N GLN A 286 -7.79 1.12 -23.56
CA GLN A 286 -6.85 1.90 -24.38
C GLN A 286 -6.67 3.33 -23.83
N THR A 287 -7.74 3.97 -23.38
CA THR A 287 -7.61 5.29 -22.75
C THR A 287 -6.92 5.22 -21.39
N ASN A 288 -7.15 4.15 -20.63
CA ASN A 288 -6.44 3.95 -19.37
C ASN A 288 -4.95 3.70 -19.57
N LYS A 289 -4.58 2.94 -20.61
CA LYS A 289 -3.16 2.76 -20.97
C LYS A 289 -2.49 4.12 -21.33
N GLU A 290 -3.20 4.92 -22.12
CA GLU A 290 -2.68 6.19 -22.59
C GLU A 290 -2.46 7.16 -21.44
N LEU A 291 -3.42 7.21 -20.51
CA LEU A 291 -3.31 8.08 -19.35
C LEU A 291 -2.12 7.71 -18.50
N GLY A 292 -1.85 6.41 -18.34
CA GLY A 292 -0.66 5.97 -17.59
C GLY A 292 0.65 6.37 -18.30
N ASN A 293 0.60 6.39 -19.63
CA ASN A 293 1.78 6.78 -20.43
C ASN A 293 2.02 8.28 -20.36
N PHE A 294 0.94 9.05 -20.31
CA PHE A 294 1.01 10.49 -20.13
C PHE A 294 1.75 10.85 -18.84
N PHE A 295 1.40 10.19 -17.73
CA PHE A 295 2.03 10.48 -16.44
C PHE A 295 3.46 10.03 -16.35
N ARG A 296 3.80 8.95 -17.03
CA ARG A 296 5.21 8.53 -17.10
C ARG A 296 6.05 9.55 -17.86
N SER A 297 5.53 9.98 -19.00
CA SER A 297 6.19 10.98 -19.84
C SER A 297 6.33 12.32 -19.09
N LEU A 298 5.34 12.65 -18.26
CA LEU A 298 5.37 13.88 -17.48
C LEU A 298 6.38 13.81 -16.32
N TRP A 299 6.33 12.73 -15.54
CA TRP A 299 7.05 12.68 -14.27
C TRP A 299 8.30 11.89 -14.30
N GLY A 300 8.44 10.98 -15.27
CA GLY A 300 9.66 10.16 -15.41
C GLY A 300 9.58 8.82 -14.68
N PRO A 301 10.74 8.22 -14.36
CA PRO A 301 10.76 6.83 -13.91
C PRO A 301 10.19 6.57 -12.50
N TYR A 302 9.96 7.62 -11.70
CA TYR A 302 9.26 7.48 -10.42
C TYR A 302 7.85 8.07 -10.50
N ALA A 303 7.21 7.93 -11.65
CA ALA A 303 5.90 8.53 -11.89
C ALA A 303 4.81 8.00 -10.94
N GLY A 304 4.94 6.73 -10.54
CA GLY A 304 4.00 6.09 -9.63
C GLY A 304 4.01 6.70 -8.24
N TRP A 305 5.22 6.98 -7.77
CA TRP A 305 5.42 7.79 -6.57
C TRP A 305 4.77 9.16 -6.66
N ALA A 306 4.92 9.84 -7.80
CA ALA A 306 4.25 11.15 -7.98
C ALA A 306 2.75 10.96 -7.93
N GLN A 307 2.26 9.90 -8.59
CA GLN A 307 0.83 9.55 -8.57
C GLN A 307 0.32 9.41 -7.13
N ALA A 308 1.13 8.76 -6.28
CA ALA A 308 0.81 8.56 -4.87
C ALA A 308 0.62 9.89 -4.15
N VAL A 309 1.40 10.92 -4.51
CA VAL A 309 1.27 12.22 -3.83
C VAL A 309 -0.07 12.87 -4.14
N LEU A 310 -0.40 12.96 -5.42
CA LEU A 310 -1.65 13.59 -5.82
C LEU A 310 -2.88 12.75 -5.49
N PHE A 311 -2.77 11.43 -5.58
CA PHE A 311 -3.87 10.51 -5.18
C PHE A 311 -4.25 10.76 -3.74
N SER A 312 -3.24 10.68 -2.88
CA SER A 312 -3.39 10.93 -1.45
C SER A 312 -4.00 12.32 -1.20
N ALA A 313 -3.48 13.34 -1.89
CA ALA A 313 -4.00 14.72 -1.71
C ALA A 313 -5.43 14.87 -2.22
N ASP A 314 -5.79 14.10 -3.23
CA ASP A 314 -7.17 14.10 -3.73
C ASP A 314 -8.14 13.38 -2.78
N LEU A 315 -7.68 12.41 -1.98
CA LEU A 315 -8.53 11.76 -0.97
C LEU A 315 -8.99 12.77 0.09
N ARG A 316 -8.13 13.74 0.39
CA ARG A 316 -8.34 14.71 1.47
C ARG A 316 -9.18 15.93 1.08
N GLN A 317 -9.79 15.94 -0.12
CA GLN A 317 -10.41 17.16 -0.70
C GLN A 317 -11.74 16.86 -1.38
#